data_6KGH
#
_entry.id   6KGH
#
_cell.length_a   97.710
_cell.length_b   84.220
_cell.length_c   90.500
_cell.angle_alpha   90.000
_cell.angle_beta   111.600
_cell.angle_gamma   90.000
#
_symmetry.space_group_name_H-M   'C 1 2 1'
#
loop_
_entity.id
_entity.type
_entity.pdbx_description
1 polymer 'Penicillin-binding protein PbpB'
2 non-polymer 'COBALT (II) ION'
3 non-polymer 'SODIUM ION'
4 water water
#
_entity_poly.entity_id   1
_entity_poly.type   'polypeptide(L)'
_entity_poly.pdbx_seq_one_letter_code
;GPLGSGQLKVTDVQPAARGSIVDRNNDRLAFTIEARALTFQPKRIRRQLEEARKKTSAAPDPQQRLRDIAQEVAGKLNNK
PDAAAVLKKLQSDETFVYLARAVDPAVASAICAKYPEVGAERQDLRQYPGGSLAANVVGGIDWDGHGLLGLEDSLDAVLA
GTDGSVTYDRGSDGVVIPGSYRNRHKAVHGSTVVLTLDNDIQFYVQQQVQQAKNLSGAHNVSAVVLDAKTGEVLAMANDN
TFDPSQDIGRQGDKQLGNPAVSSPFEPGSVNKIVAASAVIEHGLSSPDEVLQVPGSIQMGGVTVHDAWEHGVMPYTTTGV
FGKSSNVGTLMLSQRVGPERYYDMLRKFGLGQRTGVGLPGESAGLVPPIDQWSGSTFANLPIGQGLSMTLLQMTGMYQAI
ANDGVRVPPRIIKATVAPDGSRTEEPRPDDIRVVSAQTAQTVRQMLRAVVQRDPMGYQQGTGPTAGVPGYQMAGKTGTAQ
QINPGCGCYFDDVYWITFAGIATADNPRYVIGIMLDNPARNSDGAPGHSAAPLFHNIAGWLMQRENVPLSPDPGPPLVLQ
AT
;
_entity_poly.pdbx_strand_id   A
#
loop_
_chem_comp.id
_chem_comp.type
_chem_comp.name
_chem_comp.formula
CO non-polymer 'COBALT (II) ION' 'Co 2'
NA non-polymer 'SODIUM ION' 'Na 1'
#
# COMPACT_ATOMS: atom_id res chain seq x y z
N ASP A 12 -40.60 -28.20 8.60
CA ASP A 12 -40.54 -26.74 8.45
C ASP A 12 -39.13 -26.18 8.69
N VAL A 13 -38.69 -25.30 7.79
CA VAL A 13 -37.40 -24.64 7.91
C VAL A 13 -37.60 -23.24 8.48
N GLN A 14 -36.75 -22.85 9.43
CA GLN A 14 -36.75 -21.47 9.88
C GLN A 14 -35.44 -20.83 9.42
N PRO A 15 -35.50 -19.97 8.41
CA PRO A 15 -34.26 -19.49 7.77
C PRO A 15 -33.46 -18.58 8.68
N ALA A 16 -32.14 -18.77 8.65
CA ALA A 16 -31.23 -17.83 9.29
C ALA A 16 -31.22 -16.53 8.53
N ALA A 17 -31.14 -15.42 9.27
CA ALA A 17 -31.11 -14.10 8.66
C ALA A 17 -29.65 -13.68 8.46
N ARG A 18 -29.34 -13.16 7.27
CA ARG A 18 -27.96 -12.85 6.91
C ARG A 18 -27.44 -11.67 7.74
N GLY A 19 -26.24 -11.82 8.29
CA GLY A 19 -25.64 -10.73 9.03
C GLY A 19 -25.17 -9.61 8.11
N SER A 20 -24.84 -8.49 8.72
CA SER A 20 -24.47 -7.30 7.97
CA SER A 20 -24.47 -7.27 8.01
C SER A 20 -22.94 -7.13 7.93
N ILE A 21 -22.50 -6.23 7.06
CA ILE A 21 -21.11 -5.81 7.01
C ILE A 21 -21.09 -4.31 7.28
N VAL A 22 -20.36 -3.90 8.31
CA VAL A 22 -20.32 -2.51 8.72
C VAL A 22 -18.87 -2.08 8.84
N ASP A 23 -18.65 -0.76 8.82
CA ASP A 23 -17.30 -0.24 9.01
C ASP A 23 -17.01 -0.11 10.50
N ARG A 24 -15.82 0.39 10.85
CA ARG A 24 -15.36 0.40 12.23
C ARG A 24 -16.30 1.17 13.15
N ASN A 25 -17.09 2.10 12.61
CA ASN A 25 -18.05 2.87 13.40
C ASN A 25 -19.49 2.40 13.19
N ASN A 26 -19.67 1.18 12.71
CA ASN A 26 -20.97 0.57 12.47
C ASN A 26 -21.76 1.25 11.36
N ASP A 27 -21.14 2.06 10.54
CA ASP A 27 -21.81 2.54 9.33
C ASP A 27 -21.97 1.37 8.37
N ARG A 28 -23.19 1.14 7.90
CA ARG A 28 -23.50 -0.09 7.18
C ARG A 28 -23.01 -0.02 5.73
N LEU A 29 -22.35 -1.10 5.30
CA LEU A 29 -21.98 -1.31 3.90
C LEU A 29 -22.89 -2.33 3.23
N ALA A 30 -23.29 -3.37 3.95
CA ALA A 30 -24.18 -4.35 3.37
C ALA A 30 -25.12 -4.86 4.46
N PHE A 31 -26.42 -4.91 4.16
CA PHE A 31 -27.40 -5.44 5.10
C PHE A 31 -28.59 -5.99 4.32
N THR A 32 -29.38 -6.83 4.98
CA THR A 32 -30.49 -7.52 4.32
C THR A 32 -31.83 -6.97 4.80
N ILE A 33 -32.75 -6.74 3.88
CA ILE A 33 -34.13 -6.42 4.21
C ILE A 33 -35.03 -7.55 3.71
N GLU A 34 -36.07 -7.83 4.48
CA GLU A 34 -37.01 -8.89 4.11
C GLU A 34 -38.03 -8.37 3.11
N ALA A 35 -38.36 -9.20 2.14
CA ALA A 35 -39.32 -8.76 1.13
C ALA A 35 -40.07 -9.96 0.60
N ARG A 36 -40.78 -9.79 -0.51
CA ARG A 36 -41.50 -10.93 -1.06
C ARG A 36 -41.53 -10.93 -2.57
N ALA A 37 -41.66 -12.13 -3.12
CA ALA A 37 -41.67 -12.40 -4.55
C ALA A 37 -42.96 -12.03 -5.24
N ARG A 122 -41.33 -14.85 0.22
CA ARG A 122 -40.14 -14.94 1.07
C ARG A 122 -38.90 -14.60 0.26
N GLN A 123 -38.48 -13.35 0.29
CA GLN A 123 -37.30 -12.98 -0.45
C GLN A 123 -36.47 -11.97 0.32
N ASP A 124 -35.25 -12.36 0.65
CA ASP A 124 -34.35 -11.46 1.36
C ASP A 124 -33.52 -10.69 0.35
N LEU A 125 -33.56 -9.36 0.40
CA LEU A 125 -32.89 -8.50 -0.56
C LEU A 125 -31.67 -7.83 0.08
N ARG A 126 -30.50 -8.10 -0.48
CA ARG A 126 -29.28 -7.46 0.00
C ARG A 126 -29.25 -6.00 -0.42
N GLN A 127 -28.90 -5.12 0.51
CA GLN A 127 -28.81 -3.68 0.29
C GLN A 127 -27.37 -3.23 0.36
N TYR A 128 -26.95 -2.37 -0.58
CA TYR A 128 -25.62 -1.75 -0.58
C TYR A 128 -25.82 -0.24 -0.62
N PRO A 129 -26.02 0.39 0.54
CA PRO A 129 -26.41 1.80 0.54
C PRO A 129 -25.36 2.72 -0.04
N GLY A 130 -24.09 2.34 -0.01
CA GLY A 130 -23.03 3.12 -0.62
C GLY A 130 -22.72 2.75 -2.05
N GLY A 131 -23.49 1.86 -2.67
CA GLY A 131 -23.24 1.49 -4.05
C GLY A 131 -21.87 0.85 -4.20
N SER A 132 -21.00 1.48 -4.97
CA SER A 132 -19.64 1.00 -5.20
C SER A 132 -18.70 1.25 -4.02
N LEU A 133 -19.15 1.90 -2.95
CA LEU A 133 -18.23 2.22 -1.85
C LEU A 133 -17.60 0.96 -1.27
N ALA A 134 -16.27 0.85 -1.36
CA ALA A 134 -15.54 -0.31 -0.82
C ALA A 134 -16.06 -1.63 -1.39
N ALA A 135 -16.66 -1.61 -2.59
CA ALA A 135 -17.17 -2.86 -3.14
C ALA A 135 -16.04 -3.81 -3.52
N ASN A 136 -14.85 -3.27 -3.79
CA ASN A 136 -13.69 -4.13 -4.00
C ASN A 136 -13.49 -5.07 -2.82
N VAL A 137 -13.74 -4.59 -1.60
CA VAL A 137 -13.60 -5.39 -0.38
C VAL A 137 -14.87 -6.17 -0.06
N VAL A 138 -16.02 -5.49 -0.11
CA VAL A 138 -17.28 -6.05 0.35
C VAL A 138 -17.73 -7.19 -0.56
N GLY A 139 -17.64 -7.00 -1.87
CA GLY A 139 -18.11 -7.99 -2.83
C GLY A 139 -19.58 -7.85 -3.18
N GLY A 140 -20.23 -8.97 -3.49
CA GLY A 140 -21.61 -8.96 -3.92
C GLY A 140 -22.29 -10.27 -3.58
N ILE A 141 -23.59 -10.32 -3.85
CA ILE A 141 -24.47 -11.41 -3.44
C ILE A 141 -24.88 -12.19 -4.69
N ASP A 142 -25.16 -13.48 -4.50
CA ASP A 142 -25.67 -14.32 -5.57
C ASP A 142 -27.20 -14.37 -5.54
N TRP A 143 -27.78 -15.06 -6.52
CA TRP A 143 -29.23 -15.18 -6.63
C TRP A 143 -29.86 -15.82 -5.40
N ASP A 144 -29.16 -16.77 -4.78
CA ASP A 144 -29.65 -17.49 -3.60
C ASP A 144 -29.46 -16.72 -2.29
N GLY A 145 -28.97 -15.48 -2.33
CA GLY A 145 -28.70 -14.72 -1.13
C GLY A 145 -27.43 -15.09 -0.40
N HIS A 146 -26.62 -15.99 -0.95
CA HIS A 146 -25.28 -16.23 -0.44
C HIS A 146 -24.26 -15.39 -1.21
N GLY A 147 -23.05 -15.30 -0.64
CA GLY A 147 -22.03 -14.45 -1.23
C GLY A 147 -21.63 -14.96 -2.60
N LEU A 148 -21.35 -14.01 -3.50
CA LEU A 148 -20.86 -14.30 -4.85
C LEU A 148 -19.36 -14.01 -4.99
N LEU A 149 -18.87 -12.95 -4.37
CA LEU A 149 -17.46 -12.61 -4.43
C LEU A 149 -17.14 -11.67 -3.27
N GLY A 150 -15.85 -11.37 -3.11
CA GLY A 150 -15.46 -10.49 -2.01
C GLY A 150 -15.71 -11.14 -0.65
N LEU A 151 -15.78 -10.28 0.38
CA LEU A 151 -16.03 -10.78 1.74
C LEU A 151 -17.41 -11.43 1.86
N GLU A 152 -18.40 -10.99 1.07
CA GLU A 152 -19.69 -11.68 1.09
C GLU A 152 -19.48 -13.17 0.88
N ASP A 153 -18.55 -13.50 -0.02
CA ASP A 153 -18.25 -14.90 -0.30
C ASP A 153 -17.29 -15.49 0.71
N SER A 154 -16.15 -14.82 0.97
CA SER A 154 -15.13 -15.43 1.81
C SER A 154 -15.58 -15.56 3.25
N LEU A 155 -16.49 -14.70 3.72
CA LEU A 155 -17.05 -14.82 5.06
C LEU A 155 -18.51 -15.31 5.02
N ASP A 156 -18.91 -16.01 3.96
CA ASP A 156 -20.32 -16.37 3.83
C ASP A 156 -20.80 -17.20 5.01
N ALA A 157 -19.99 -18.15 5.48
CA ALA A 157 -20.36 -18.97 6.62
C ALA A 157 -20.65 -18.13 7.85
N VAL A 158 -19.83 -17.12 8.11
CA VAL A 158 -20.07 -16.22 9.24
C VAL A 158 -21.34 -15.40 9.03
N LEU A 159 -21.53 -14.88 7.81
CA LEU A 159 -22.63 -13.96 7.54
C LEU A 159 -23.96 -14.68 7.35
N ALA A 160 -23.94 -15.89 6.79
CA ALA A 160 -25.18 -16.59 6.49
C ALA A 160 -25.76 -17.34 7.67
N GLY A 161 -24.95 -17.69 8.67
CA GLY A 161 -25.52 -18.50 9.72
C GLY A 161 -25.95 -19.89 9.22
N THR A 162 -26.88 -20.49 9.97
CA THR A 162 -27.36 -21.85 9.70
C THR A 162 -28.86 -21.93 9.92
N ASP A 163 -29.59 -22.44 8.93
CA ASP A 163 -31.04 -22.54 9.02
C ASP A 163 -31.44 -23.51 10.12
N GLY A 164 -32.40 -23.11 10.93
CA GLY A 164 -32.98 -23.98 11.93
C GLY A 164 -34.08 -24.84 11.34
N SER A 165 -34.84 -25.47 12.24
CA SER A 165 -35.88 -26.43 11.82
C SER A 165 -36.84 -26.72 12.96
N VAL A 166 -38.12 -26.85 12.63
CA VAL A 166 -39.14 -27.39 13.55
C VAL A 166 -40.32 -27.92 12.73
N ARG A 184 -36.30 -29.97 17.65
CA ARG A 184 -36.11 -28.62 17.21
C ARG A 184 -34.66 -28.15 17.31
N HIS A 185 -34.19 -27.55 16.22
CA HIS A 185 -32.85 -27.02 16.12
C HIS A 185 -33.07 -25.52 15.83
N LYS A 186 -32.58 -24.63 16.69
CA LYS A 186 -32.77 -23.19 16.56
C LYS A 186 -31.96 -22.65 15.39
N ALA A 187 -32.53 -21.67 14.69
CA ALA A 187 -31.81 -21.00 13.63
C ALA A 187 -30.67 -20.19 14.23
N VAL A 188 -29.46 -20.37 13.71
CA VAL A 188 -28.33 -19.53 14.08
C VAL A 188 -28.25 -18.42 13.03
N HIS A 189 -28.68 -17.23 13.41
CA HIS A 189 -28.67 -16.10 12.50
C HIS A 189 -27.23 -15.67 12.22
N GLY A 190 -27.05 -14.98 11.09
CA GLY A 190 -25.71 -14.56 10.69
C GLY A 190 -25.13 -13.53 11.64
N SER A 191 -23.83 -13.65 11.87
CA SER A 191 -23.16 -12.62 12.66
C SER A 191 -22.81 -11.43 11.77
N THR A 192 -22.68 -10.28 12.40
CA THR A 192 -22.28 -9.06 11.70
C THR A 192 -20.77 -8.92 11.75
N VAL A 193 -20.18 -8.52 10.62
CA VAL A 193 -18.73 -8.39 10.45
C VAL A 193 -18.40 -6.90 10.53
N VAL A 194 -17.50 -6.55 11.45
CA VAL A 194 -17.05 -5.17 11.63
C VAL A 194 -15.68 -5.02 10.99
N LEU A 195 -15.60 -4.19 9.96
CA LEU A 195 -14.36 -3.95 9.25
C LEU A 195 -13.55 -2.86 9.93
N THR A 196 -12.24 -2.86 9.68
CA THR A 196 -11.38 -1.77 10.13
C THR A 196 -11.57 -0.50 9.32
N LEU A 197 -12.25 -0.59 8.17
CA LEU A 197 -12.42 0.57 7.29
C LEU A 197 -13.16 1.69 8.01
N ASP A 198 -12.78 2.91 7.69
CA ASP A 198 -13.53 4.10 8.05
C ASP A 198 -14.19 4.60 6.77
N ASN A 199 -15.51 4.52 6.71
CA ASN A 199 -16.23 4.83 5.48
C ASN A 199 -16.00 6.26 5.02
N ASP A 200 -15.78 7.20 5.95
CA ASP A 200 -15.48 8.57 5.56
C ASP A 200 -14.15 8.65 4.82
N ILE A 201 -13.13 7.98 5.35
CA ILE A 201 -11.82 7.95 4.71
C ILE A 201 -11.89 7.15 3.41
N GLN A 202 -12.55 5.99 3.44
CA GLN A 202 -12.70 5.20 2.22
C GLN A 202 -13.34 6.02 1.11
N PHE A 203 -14.41 6.75 1.43
CA PHE A 203 -15.14 7.50 0.41
C PHE A 203 -14.28 8.58 -0.21
N TYR A 204 -13.58 9.36 0.63
CA TYR A 204 -12.69 10.37 0.07
C TYR A 204 -11.60 9.72 -0.79
N VAL A 205 -10.92 8.70 -0.25
CA VAL A 205 -9.79 8.09 -0.97
C VAL A 205 -10.27 7.46 -2.27
N GLN A 206 -11.41 6.77 -2.24
CA GLN A 206 -11.92 6.09 -3.44
C GLN A 206 -12.29 7.10 -4.52
N GLN A 207 -12.89 8.24 -4.14
CA GLN A 207 -13.12 9.31 -5.09
C GLN A 207 -11.81 9.85 -5.67
N GLN A 208 -10.84 10.13 -4.80
CA GLN A 208 -9.57 10.70 -5.27
C GLN A 208 -8.84 9.72 -6.19
N VAL A 209 -8.96 8.42 -5.91
CA VAL A 209 -8.33 7.42 -6.76
C VAL A 209 -8.95 7.45 -8.16
N GLN A 210 -10.28 7.60 -8.22
CA GLN A 210 -10.95 7.65 -9.52
C GLN A 210 -10.50 8.88 -10.31
N GLN A 211 -10.48 10.04 -9.67
CA GLN A 211 -10.08 11.23 -10.42
C GLN A 211 -8.59 11.22 -10.74
N ALA A 212 -7.74 10.67 -9.86
CA ALA A 212 -6.33 10.52 -10.21
C ALA A 212 -6.18 9.64 -11.45
N LYS A 213 -7.02 8.63 -11.57
CA LYS A 213 -6.99 7.78 -12.75
C LYS A 213 -7.42 8.57 -14.00
N ASN A 214 -8.54 9.32 -13.92
CA ASN A 214 -8.97 10.14 -15.07
C ASN A 214 -7.92 11.18 -15.43
N LEU A 215 -7.34 11.84 -14.43
CA LEU A 215 -6.43 12.96 -14.69
C LEU A 215 -5.09 12.49 -15.23
N SER A 216 -4.55 11.41 -14.66
CA SER A 216 -3.24 10.92 -15.06
C SER A 216 -3.26 10.11 -16.35
N GLY A 217 -4.42 9.62 -16.78
CA GLY A 217 -4.43 8.70 -17.90
C GLY A 217 -3.88 7.31 -17.61
N ALA A 218 -3.62 6.96 -16.35
CA ALA A 218 -3.16 5.60 -16.02
C ALA A 218 -4.20 4.55 -16.40
N HIS A 219 -3.73 3.31 -16.62
CA HIS A 219 -4.63 2.19 -16.87
C HIS A 219 -5.51 1.92 -15.65
N ASN A 220 -4.94 2.10 -14.46
CA ASN A 220 -5.67 1.88 -13.21
C ASN A 220 -4.87 2.55 -12.09
N VAL A 221 -5.57 2.84 -11.00
CA VAL A 221 -4.98 3.49 -9.84
C VAL A 221 -5.54 2.78 -8.61
N SER A 222 -4.71 2.68 -7.57
CA SER A 222 -5.14 2.09 -6.32
C SER A 222 -4.40 2.80 -5.18
N ALA A 223 -4.99 2.72 -3.99
CA ALA A 223 -4.42 3.36 -2.81
C ALA A 223 -4.85 2.57 -1.57
N VAL A 224 -3.98 2.56 -0.57
CA VAL A 224 -4.21 1.91 0.71
C VAL A 224 -3.82 2.89 1.80
N VAL A 225 -4.68 3.03 2.81
CA VAL A 225 -4.37 3.82 4.00
C VAL A 225 -4.38 2.88 5.19
N LEU A 226 -3.26 2.81 5.91
CA LEU A 226 -3.15 2.01 7.13
C LEU A 226 -3.03 2.92 8.34
N ASP A 227 -3.58 2.46 9.45
CA ASP A 227 -3.23 3.09 10.72
C ASP A 227 -1.76 2.80 11.03
N ALA A 228 -0.99 3.86 11.28
CA ALA A 228 0.46 3.69 11.48
C ALA A 228 0.78 2.76 12.64
N LYS A 229 0.04 2.84 13.74
CA LYS A 229 0.46 2.06 14.91
C LYS A 229 -0.04 0.62 14.85
N THR A 230 -1.29 0.40 14.44
CA THR A 230 -1.87 -0.94 14.46
C THR A 230 -1.85 -1.65 13.11
N GLY A 231 -1.60 -0.94 12.01
CA GLY A 231 -1.68 -1.57 10.70
C GLY A 231 -3.07 -1.89 10.23
N GLU A 232 -4.11 -1.46 10.94
CA GLU A 232 -5.47 -1.69 10.47
C GLU A 232 -5.69 -0.97 9.14
N VAL A 233 -6.45 -1.60 8.26
CA VAL A 233 -6.74 -1.02 6.95
C VAL A 233 -7.89 -0.03 7.11
N LEU A 234 -7.58 1.27 6.96
CA LEU A 234 -8.58 2.32 7.06
C LEU A 234 -9.24 2.65 5.73
N ALA A 235 -8.54 2.44 4.62
CA ALA A 235 -9.10 2.62 3.29
C ALA A 235 -8.34 1.71 2.33
N MET A 236 -9.05 1.15 1.35
CA MET A 236 -8.44 0.31 0.31
C MET A 236 -9.31 0.49 -0.92
N ALA A 237 -8.77 1.11 -1.97
CA ALA A 237 -9.60 1.51 -3.08
C ALA A 237 -8.85 1.37 -4.40
N ASN A 238 -9.62 1.15 -5.46
CA ASN A 238 -9.14 1.15 -6.84
C ASN A 238 -10.13 1.95 -7.69
N ASP A 239 -9.68 2.33 -8.88
CA ASP A 239 -10.58 3.03 -9.78
C ASP A 239 -11.58 2.03 -10.39
N ASN A 240 -12.65 2.56 -10.97
CA ASN A 240 -13.57 1.77 -11.80
C ASN A 240 -14.27 0.67 -11.00
N THR A 241 -14.53 0.91 -9.71
CA THR A 241 -15.10 -0.13 -8.85
C THR A 241 -16.54 -0.44 -9.22
N PHE A 242 -16.86 -1.72 -9.32
CA PHE A 242 -18.19 -2.13 -9.74
C PHE A 242 -19.24 -1.81 -8.67
N ASP A 243 -20.51 -1.96 -9.06
CA ASP A 243 -21.63 -1.63 -8.17
C ASP A 243 -22.37 -2.90 -7.81
N PRO A 244 -22.22 -3.42 -6.57
CA PRO A 244 -22.87 -4.69 -6.22
C PRO A 244 -24.38 -4.60 -6.10
N SER A 245 -24.97 -3.42 -6.19
CA SER A 245 -26.43 -3.38 -6.27
C SER A 245 -26.93 -3.64 -7.68
N GLN A 246 -26.04 -3.78 -8.66
CA GLN A 246 -26.42 -4.09 -10.02
C GLN A 246 -25.82 -5.43 -10.44
N ASP A 247 -26.48 -6.08 -11.39
CA ASP A 247 -26.08 -7.43 -11.78
C ASP A 247 -24.68 -7.43 -12.35
N ILE A 248 -23.86 -8.38 -11.87
CA ILE A 248 -22.47 -8.44 -12.23
C ILE A 248 -22.28 -8.69 -13.73
N GLY A 249 -23.26 -9.33 -14.38
CA GLY A 249 -23.17 -9.65 -15.79
C GLY A 249 -23.26 -8.45 -16.72
N ARG A 250 -23.70 -7.32 -16.21
CA ARG A 250 -23.68 -6.10 -16.99
C ARG A 250 -22.44 -5.25 -16.75
N GLN A 251 -21.46 -5.76 -16.00
CA GLN A 251 -20.35 -4.93 -15.55
C GLN A 251 -19.00 -5.52 -15.94
N GLY A 252 -18.94 -6.08 -17.15
CA GLY A 252 -17.64 -6.51 -17.67
C GLY A 252 -16.66 -5.37 -17.83
N ASP A 253 -17.14 -4.13 -17.94
CA ASP A 253 -16.22 -3.01 -18.09
C ASP A 253 -15.77 -2.41 -16.76
N LYS A 254 -16.13 -3.02 -15.63
CA LYS A 254 -15.80 -2.52 -14.29
C LYS A 254 -14.74 -3.40 -13.66
N GLN A 255 -14.09 -2.84 -12.63
CA GLN A 255 -13.19 -3.63 -11.78
C GLN A 255 -14.03 -4.37 -10.74
N LEU A 256 -14.04 -5.70 -10.82
CA LEU A 256 -14.85 -6.51 -9.90
C LEU A 256 -14.07 -7.00 -8.70
N GLY A 257 -12.74 -6.91 -8.73
CA GLY A 257 -11.90 -7.55 -7.73
C GLY A 257 -11.23 -6.52 -6.83
N ASN A 258 -10.04 -6.84 -6.37
CA ASN A 258 -9.36 -6.04 -5.34
C ASN A 258 -7.87 -6.03 -5.62
N PRO A 259 -7.45 -5.33 -6.68
CA PRO A 259 -6.03 -5.36 -7.08
C PRO A 259 -5.06 -4.99 -5.99
N ALA A 260 -5.46 -4.15 -5.03
CA ALA A 260 -4.55 -3.77 -3.94
C ALA A 260 -3.97 -4.99 -3.23
N VAL A 261 -4.69 -6.11 -3.22
CA VAL A 261 -4.16 -7.33 -2.63
C VAL A 261 -3.91 -8.44 -3.64
N SER A 262 -4.57 -8.41 -4.82
CA SER A 262 -4.48 -9.50 -5.78
C SER A 262 -3.38 -9.36 -6.83
N SER A 263 -2.88 -8.16 -7.09
CA SER A 263 -2.16 -7.91 -8.34
C SER A 263 -0.78 -7.31 -8.09
N PRO A 264 0.26 -8.13 -7.92
CA PRO A 264 1.57 -7.59 -7.57
C PRO A 264 2.22 -6.89 -8.75
N PHE A 265 3.20 -6.04 -8.43
CA PHE A 265 3.95 -5.30 -9.43
C PHE A 265 5.39 -5.20 -8.93
N GLU A 266 6.33 -4.92 -9.85
CA GLU A 266 7.71 -4.68 -9.43
C GLU A 266 7.77 -3.30 -8.78
N PRO A 267 8.37 -3.17 -7.59
CA PRO A 267 8.33 -1.88 -6.89
C PRO A 267 9.23 -0.81 -7.50
N GLY A 268 10.34 -1.20 -8.13
CA GLY A 268 11.27 -0.18 -8.58
C GLY A 268 11.79 0.59 -7.36
N SER A 269 11.96 1.90 -7.53
CA SER A 269 12.65 2.68 -6.50
C SER A 269 11.83 2.86 -5.22
N VAL A 270 10.52 2.51 -5.15
CA VAL A 270 9.91 2.50 -3.82
C VAL A 270 10.49 1.43 -2.93
N ASN A 271 11.16 0.44 -3.49
CA ASN A 271 11.76 -0.61 -2.67
C ASN A 271 12.99 -0.12 -1.91
N LYS A 272 13.48 1.10 -2.16
CA LYS A 272 14.74 1.52 -1.56
C LYS A 272 14.64 1.75 -0.05
N ILE A 273 13.44 1.77 0.51
CA ILE A 273 13.30 1.72 1.96
C ILE A 273 14.07 0.54 2.56
N VAL A 274 14.15 -0.60 1.83
CA VAL A 274 14.86 -1.75 2.38
C VAL A 274 16.35 -1.46 2.51
N ALA A 275 16.99 -1.00 1.41
CA ALA A 275 18.39 -0.64 1.48
C ALA A 275 18.65 0.43 2.55
N ALA A 276 17.81 1.47 2.59
CA ALA A 276 18.04 2.55 3.56
C ALA A 276 17.96 2.04 4.98
N SER A 277 16.94 1.22 5.27
CA SER A 277 16.74 0.66 6.60
C SER A 277 17.89 -0.23 7.00
N ALA A 278 18.38 -1.05 6.07
CA ALA A 278 19.46 -1.98 6.37
C ALA A 278 20.79 -1.25 6.62
N VAL A 279 21.13 -0.21 5.84
CA VAL A 279 22.43 0.45 6.04
C VAL A 279 22.44 1.22 7.35
N ILE A 280 21.30 1.82 7.74
CA ILE A 280 21.24 2.50 9.01
C ILE A 280 21.21 1.49 10.16
N GLU A 281 20.41 0.43 10.03
CA GLU A 281 20.26 -0.52 11.14
C GLU A 281 21.57 -1.24 11.45
N HIS A 282 22.34 -1.57 10.44
CA HIS A 282 23.61 -2.23 10.70
C HIS A 282 24.77 -1.26 10.93
N GLY A 283 24.48 0.04 11.09
CA GLY A 283 25.55 0.98 11.44
C GLY A 283 26.54 1.20 10.31
N LEU A 284 26.10 1.04 9.07
CA LEU A 284 26.96 1.08 7.89
C LEU A 284 26.99 2.45 7.24
N SER A 285 26.08 3.33 7.60
CA SER A 285 26.08 4.70 7.09
C SER A 285 25.26 5.53 8.07
N SER A 286 25.21 6.83 7.82
CA SER A 286 24.37 7.77 8.56
C SER A 286 23.76 8.73 7.55
N PRO A 287 22.68 9.42 7.92
CA PRO A 287 22.00 10.32 6.95
C PRO A 287 22.91 11.39 6.35
N ASP A 288 23.88 11.90 7.12
CA ASP A 288 24.72 13.00 6.68
C ASP A 288 26.06 12.55 6.11
N GLU A 289 26.30 11.23 5.97
CA GLU A 289 27.53 10.81 5.31
C GLU A 289 27.59 11.36 3.88
N VAL A 290 28.67 12.05 3.55
CA VAL A 290 28.91 12.52 2.19
C VAL A 290 29.48 11.36 1.38
N LEU A 291 28.82 11.04 0.28
CA LEU A 291 29.21 9.95 -0.60
C LEU A 291 29.79 10.49 -1.90
N GLN A 292 30.34 9.57 -2.70
CA GLN A 292 30.78 9.88 -4.06
C GLN A 292 30.07 8.93 -5.00
N VAL A 293 29.11 9.44 -5.77
CA VAL A 293 28.21 8.57 -6.53
C VAL A 293 28.45 8.76 -8.03
N PRO A 294 29.11 7.83 -8.71
CA PRO A 294 29.23 7.93 -10.17
C PRO A 294 27.89 7.78 -10.86
N GLY A 295 27.86 8.18 -12.13
CA GLY A 295 26.62 8.12 -12.89
C GLY A 295 26.24 6.72 -13.32
N SER A 296 27.18 5.79 -13.29
CA SER A 296 26.86 4.39 -13.58
C SER A 296 27.93 3.52 -12.94
N ILE A 297 27.60 2.26 -12.71
CA ILE A 297 28.57 1.27 -12.27
C ILE A 297 28.24 -0.06 -12.91
N GLN A 298 29.24 -0.92 -12.96
CA GLN A 298 29.08 -2.31 -13.32
C GLN A 298 29.04 -3.13 -12.03
N MET A 299 27.98 -3.90 -11.86
CA MET A 299 27.82 -4.69 -10.65
C MET A 299 27.15 -5.99 -11.03
N GLY A 300 27.63 -7.10 -10.50
CA GLY A 300 27.03 -8.39 -10.79
C GLY A 300 26.95 -8.69 -12.26
N GLY A 301 27.88 -8.18 -13.06
CA GLY A 301 27.90 -8.41 -14.49
C GLY A 301 27.05 -7.48 -15.31
N VAL A 302 26.23 -6.63 -14.69
CA VAL A 302 25.35 -5.73 -15.42
C VAL A 302 25.77 -4.28 -15.15
N THR A 303 25.19 -3.37 -15.92
CA THR A 303 25.46 -1.95 -15.81
C THR A 303 24.19 -1.24 -15.34
N VAL A 304 24.32 -0.46 -14.26
CA VAL A 304 23.21 0.31 -13.71
C VAL A 304 23.54 1.79 -13.84
N HIS A 305 22.61 2.55 -14.40
CA HIS A 305 22.72 3.99 -14.63
C HIS A 305 21.76 4.70 -13.69
N ASP A 306 22.09 5.94 -13.35
CA ASP A 306 21.10 6.74 -12.65
C ASP A 306 20.09 7.32 -13.65
N ALA A 307 18.84 7.46 -13.19
CA ALA A 307 17.77 7.98 -14.05
C ALA A 307 18.09 9.34 -14.67
N TRP A 308 19.19 9.98 -14.26
CA TRP A 308 19.75 11.13 -14.94
C TRP A 308 21.24 10.88 -15.10
N GLU A 309 21.83 11.50 -16.12
CA GLU A 309 23.27 11.33 -16.35
C GLU A 309 24.04 12.33 -15.47
N HIS A 310 25.19 11.90 -14.97
CA HIS A 310 26.00 12.79 -14.14
C HIS A 310 27.36 12.15 -13.87
N GLY A 311 28.35 13.00 -13.62
CA GLY A 311 29.63 12.52 -13.13
C GLY A 311 29.55 12.15 -11.66
N VAL A 312 30.69 12.07 -10.98
CA VAL A 312 30.64 11.75 -9.55
C VAL A 312 29.95 12.89 -8.81
N MET A 313 28.87 12.56 -8.10
CA MET A 313 28.09 13.54 -7.34
C MET A 313 28.29 13.32 -5.85
N PRO A 314 28.54 14.44 -5.02
CA PRO A 314 28.66 14.32 -3.56
C PRO A 314 27.30 14.29 -2.87
N TYR A 315 26.48 13.30 -3.22
CA TYR A 315 25.22 13.11 -2.52
C TYR A 315 25.49 12.65 -1.10
N THR A 316 24.71 13.16 -0.16
CA THR A 316 24.67 12.51 1.14
C THR A 316 23.85 11.22 1.02
N THR A 317 24.00 10.35 2.03
CA THR A 317 23.11 9.21 2.14
C THR A 317 21.66 9.67 2.08
N THR A 318 21.33 10.75 2.79
CA THR A 318 20.00 11.34 2.65
C THR A 318 19.67 11.64 1.19
N GLY A 319 20.61 12.26 0.46
CA GLY A 319 20.35 12.62 -0.91
C GLY A 319 20.24 11.43 -1.85
N VAL A 320 20.92 10.32 -1.53
CA VAL A 320 20.79 9.14 -2.37
C VAL A 320 19.34 8.68 -2.39
N PHE A 321 18.69 8.67 -1.23
CA PHE A 321 17.29 8.28 -1.19
C PHE A 321 16.36 9.43 -1.58
N GLY A 322 16.73 10.67 -1.27
CA GLY A 322 15.88 11.81 -1.64
C GLY A 322 15.82 12.04 -3.13
N LYS A 323 16.95 11.86 -3.83
CA LYS A 323 17.02 12.01 -5.28
C LYS A 323 16.80 10.68 -6.02
N SER A 324 16.70 9.57 -5.30
CA SER A 324 16.54 8.23 -5.85
C SER A 324 17.67 7.86 -6.82
N SER A 325 18.89 7.86 -6.29
CA SER A 325 20.06 7.42 -7.05
C SER A 325 20.14 5.90 -7.01
N ASN A 326 19.97 5.26 -8.18
CA ASN A 326 20.14 3.81 -8.28
C ASN A 326 21.57 3.42 -7.92
N VAL A 327 22.54 4.17 -8.45
CA VAL A 327 23.95 3.85 -8.22
C VAL A 327 24.30 4.02 -6.74
N GLY A 328 23.84 5.11 -6.12
CA GLY A 328 24.10 5.30 -4.70
C GLY A 328 23.45 4.22 -3.85
N THR A 329 22.25 3.78 -4.24
CA THR A 329 21.59 2.69 -3.51
C THR A 329 22.45 1.43 -3.56
N LEU A 330 23.03 1.13 -4.72
CA LEU A 330 23.75 -0.13 -4.87
C LEU A 330 25.08 -0.09 -4.16
N MET A 331 25.78 1.05 -4.19
CA MET A 331 27.02 1.21 -3.43
CA MET A 331 27.02 1.20 -3.44
C MET A 331 26.79 0.99 -1.94
N LEU A 332 25.74 1.61 -1.39
CA LEU A 332 25.39 1.39 0.00
C LEU A 332 24.99 -0.06 0.26
N SER A 333 24.29 -0.68 -0.70
CA SER A 333 23.83 -2.05 -0.52
C SER A 333 25.01 -3.02 -0.51
N GLN A 334 26.10 -2.68 -1.21
CA GLN A 334 27.33 -3.46 -1.12
C GLN A 334 27.86 -3.53 0.31
N ARG A 335 27.69 -2.46 1.10
CA ARG A 335 28.08 -2.51 2.51
C ARG A 335 27.23 -3.51 3.28
N VAL A 336 25.93 -3.56 2.97
CA VAL A 336 25.03 -4.49 3.63
C VAL A 336 25.40 -5.93 3.30
N GLY A 337 25.60 -6.22 2.00
CA GLY A 337 25.86 -7.57 1.56
C GLY A 337 24.56 -8.33 1.27
N PRO A 338 24.66 -9.38 0.44
CA PRO A 338 23.44 -10.12 0.05
C PRO A 338 22.63 -10.71 1.21
N GLU A 339 23.28 -11.35 2.19
CA GLU A 339 22.56 -12.08 3.22
C GLU A 339 21.80 -11.15 4.14
N ARG A 340 22.46 -10.09 4.61
CA ARG A 340 21.76 -9.14 5.47
C ARG A 340 20.66 -8.41 4.68
N TYR A 341 20.88 -8.16 3.38
CA TYR A 341 19.84 -7.53 2.57
C TYR A 341 18.64 -8.46 2.40
N TYR A 342 18.88 -9.71 1.99
CA TYR A 342 17.77 -10.65 1.85
C TYR A 342 17.04 -10.86 3.17
N ASP A 343 17.78 -10.94 4.28
CA ASP A 343 17.11 -11.10 5.57
C ASP A 343 16.16 -9.94 5.83
N MET A 344 16.55 -8.74 5.42
CA MET A 344 15.72 -7.57 5.68
C MET A 344 14.49 -7.57 4.77
N LEU A 345 14.66 -7.96 3.51
CA LEU A 345 13.51 -8.18 2.63
C LEU A 345 12.46 -9.05 3.31
N ARG A 346 12.90 -10.15 3.92
CA ARG A 346 11.96 -11.10 4.54
C ARG A 346 11.33 -10.50 5.78
N LYS A 347 12.12 -9.80 6.60
CA LYS A 347 11.54 -9.19 7.80
C LYS A 347 10.46 -8.16 7.43
N PHE A 348 10.66 -7.44 6.33
CA PHE A 348 9.66 -6.49 5.85
C PHE A 348 8.40 -7.17 5.30
N GLY A 349 8.35 -8.50 5.25
CA GLY A 349 7.14 -9.23 4.85
C GLY A 349 6.98 -9.49 3.38
N LEU A 350 7.98 -9.21 2.56
CA LEU A 350 7.87 -9.34 1.12
C LEU A 350 7.86 -10.80 0.71
N GLY A 351 7.09 -11.11 -0.33
CA GLY A 351 7.02 -12.51 -0.73
C GLY A 351 6.14 -13.40 0.14
N GLN A 352 5.43 -12.84 1.11
CA GLN A 352 4.56 -13.60 1.99
C GLN A 352 3.22 -12.89 2.06
N ARG A 353 2.13 -13.64 1.98
CA ARG A 353 0.82 -13.05 2.22
C ARG A 353 0.82 -12.42 3.61
N THR A 354 0.12 -11.30 3.74
CA THR A 354 0.02 -10.64 5.03
C THR A 354 -0.95 -11.36 5.97
N GLY A 355 -1.89 -12.14 5.43
CA GLY A 355 -2.99 -12.66 6.25
C GLY A 355 -4.04 -11.61 6.56
N VAL A 356 -4.20 -10.60 5.70
CA VAL A 356 -5.08 -9.47 6.00
C VAL A 356 -6.54 -9.88 6.19
N GLY A 357 -6.96 -11.01 5.63
CA GLY A 357 -8.33 -11.46 5.74
C GLY A 357 -9.21 -11.18 4.52
N LEU A 358 -8.62 -11.10 3.33
CA LEU A 358 -9.33 -10.81 2.09
C LEU A 358 -9.07 -11.91 1.07
N PRO A 359 -10.07 -12.32 0.30
CA PRO A 359 -9.83 -13.40 -0.68
C PRO A 359 -8.96 -12.91 -1.82
N GLY A 360 -8.21 -13.84 -2.40
CA GLY A 360 -7.41 -13.55 -3.57
C GLY A 360 -6.11 -12.83 -3.29
N GLU A 361 -5.65 -12.76 -2.03
CA GLU A 361 -4.41 -12.05 -1.75
C GLU A 361 -3.22 -12.74 -2.42
N SER A 362 -2.42 -11.97 -3.17
CA SER A 362 -1.19 -12.53 -3.72
C SER A 362 -0.05 -12.44 -2.71
N ALA A 363 0.87 -13.40 -2.79
CA ALA A 363 2.08 -13.36 -1.97
C ALA A 363 3.18 -12.51 -2.57
N GLY A 364 3.02 -12.05 -3.82
CA GLY A 364 4.14 -11.42 -4.46
C GLY A 364 5.19 -12.47 -4.77
N LEU A 365 6.41 -12.00 -5.02
CA LEU A 365 7.47 -12.90 -5.47
C LEU A 365 8.81 -12.28 -5.09
N VAL A 366 9.61 -13.01 -4.31
CA VAL A 366 10.97 -12.65 -3.98
C VAL A 366 11.85 -13.88 -4.23
N PRO A 367 12.84 -13.81 -5.12
CA PRO A 367 13.72 -14.97 -5.33
C PRO A 367 14.52 -15.29 -4.08
N PRO A 368 14.45 -16.52 -3.58
CA PRO A 368 15.25 -16.88 -2.39
C PRO A 368 16.73 -16.83 -2.70
N ILE A 369 17.52 -16.49 -1.67
CA ILE A 369 18.91 -16.11 -1.90
C ILE A 369 19.71 -17.27 -2.50
N ASP A 370 19.33 -18.52 -2.22
CA ASP A 370 20.09 -19.63 -2.79
C ASP A 370 19.81 -19.85 -4.26
N GLN A 371 18.85 -19.12 -4.84
CA GLN A 371 18.60 -19.19 -6.27
C GLN A 371 19.06 -17.94 -7.01
N TRP A 372 19.68 -16.99 -6.32
CA TRP A 372 20.11 -15.77 -7.01
C TRP A 372 21.11 -16.08 -8.10
N SER A 373 21.06 -15.31 -9.18
CA SER A 373 22.11 -15.33 -10.18
C SER A 373 23.15 -14.28 -9.83
N GLY A 374 24.14 -14.08 -10.71
CA GLY A 374 25.17 -13.09 -10.42
C GLY A 374 24.65 -11.66 -10.42
N SER A 375 23.53 -11.41 -11.08
CA SER A 375 22.99 -10.07 -11.24
C SER A 375 21.84 -9.75 -10.30
N THR A 376 21.32 -10.75 -9.57
CA THR A 376 20.16 -10.52 -8.70
C THR A 376 20.40 -9.39 -7.71
N PHE A 377 21.56 -9.39 -7.05
CA PHE A 377 21.84 -8.36 -6.04
C PHE A 377 22.02 -6.99 -6.68
N ALA A 378 22.36 -6.90 -7.95
CA ALA A 378 22.38 -5.60 -8.62
C ALA A 378 20.99 -5.10 -8.97
N ASN A 379 19.96 -5.94 -8.84
CA ASN A 379 18.59 -5.61 -9.22
C ASN A 379 17.65 -5.40 -8.04
N LEU A 380 17.67 -6.32 -7.07
CA LEU A 380 16.69 -6.24 -5.99
C LEU A 380 16.75 -4.94 -5.20
N PRO A 381 17.92 -4.40 -4.82
CA PRO A 381 17.91 -3.17 -4.01
C PRO A 381 17.27 -1.98 -4.69
N ILE A 382 17.24 -1.93 -6.03
CA ILE A 382 16.55 -0.83 -6.71
C ILE A 382 15.16 -1.26 -7.19
N GLY A 383 14.66 -2.39 -6.71
CA GLY A 383 13.29 -2.77 -6.89
C GLY A 383 12.98 -3.52 -8.16
N GLN A 384 13.97 -4.11 -8.83
CA GLN A 384 13.76 -4.88 -10.04
C GLN A 384 13.99 -6.36 -9.72
N GLY A 385 13.19 -7.24 -10.33
CA GLY A 385 13.38 -8.67 -10.13
C GLY A 385 12.62 -9.26 -8.96
N LEU A 386 11.72 -8.52 -8.36
CA LEU A 386 10.80 -8.99 -7.34
C LEU A 386 9.50 -8.25 -7.55
N SER A 387 8.44 -8.73 -6.90
CA SER A 387 7.13 -8.10 -7.05
C SER A 387 6.42 -8.14 -5.71
N MET A 388 5.52 -7.17 -5.51
CA MET A 388 4.77 -7.03 -4.28
C MET A 388 3.42 -6.42 -4.60
N THR A 389 2.47 -6.65 -3.72
CA THR A 389 1.18 -5.98 -3.80
C THR A 389 1.28 -4.58 -3.19
N LEU A 390 0.27 -3.77 -3.49
CA LEU A 390 0.18 -2.44 -2.86
C LEU A 390 0.12 -2.57 -1.35
N LEU A 391 -0.59 -3.58 -0.84
CA LEU A 391 -0.72 -3.74 0.60
C LEU A 391 0.63 -4.09 1.24
N GLN A 392 1.37 -5.02 0.62
CA GLN A 392 2.71 -5.33 1.11
C GLN A 392 3.60 -4.10 1.08
N MET A 393 3.53 -3.33 -0.01
CA MET A 393 4.33 -2.10 -0.13
C MET A 393 4.00 -1.15 1.01
N THR A 394 2.70 -0.90 1.22
CA THR A 394 2.28 -0.02 2.30
C THR A 394 2.64 -0.59 3.67
N GLY A 395 2.57 -1.91 3.82
CA GLY A 395 2.96 -2.54 5.08
C GLY A 395 4.42 -2.32 5.43
N MET A 396 5.28 -2.22 4.41
CA MET A 396 6.70 -1.95 4.64
C MET A 396 6.88 -0.60 5.31
N TYR A 397 6.21 0.43 4.79
CA TYR A 397 6.35 1.75 5.37
C TYR A 397 5.67 1.86 6.74
N GLN A 398 4.66 1.03 7.00
CA GLN A 398 4.08 0.95 8.34
C GLN A 398 5.10 0.50 9.37
N ALA A 399 5.97 -0.45 9.00
CA ALA A 399 7.01 -0.90 9.93
C ALA A 399 7.86 0.27 10.40
N ILE A 400 8.27 1.10 9.45
CA ILE A 400 9.09 2.27 9.75
C ILE A 400 8.27 3.31 10.50
N ALA A 401 7.00 3.46 10.12
CA ALA A 401 6.12 4.38 10.83
C ALA A 401 5.94 3.96 12.30
N ASN A 402 5.90 2.67 12.57
CA ASN A 402 5.64 2.14 13.91
C ASN A 402 6.93 1.89 14.68
N ASP A 403 7.90 2.80 14.55
CA ASP A 403 9.18 2.73 15.27
C ASP A 403 9.86 1.37 15.06
N GLY A 404 9.78 0.85 13.84
CA GLY A 404 10.51 -0.34 13.46
C GLY A 404 9.76 -1.65 13.66
N VAL A 405 8.53 -1.61 14.13
CA VAL A 405 7.78 -2.83 14.44
C VAL A 405 6.68 -2.98 13.40
N ARG A 406 6.81 -3.98 12.55
CA ARG A 406 5.79 -4.22 11.52
C ARG A 406 4.63 -4.99 12.11
N VAL A 407 3.42 -4.48 11.94
CA VAL A 407 2.19 -5.14 12.34
C VAL A 407 1.44 -5.51 11.06
N PRO A 408 1.35 -6.80 10.71
CA PRO A 408 0.66 -7.20 9.48
C PRO A 408 -0.73 -6.58 9.43
N PRO A 409 -1.12 -6.04 8.29
CA PRO A 409 -2.41 -5.33 8.21
C PRO A 409 -3.56 -6.31 8.33
N ARG A 410 -4.67 -5.83 8.90
CA ARG A 410 -5.91 -6.58 9.07
C ARG A 410 -7.08 -5.70 8.68
N ILE A 411 -8.11 -6.29 8.05
CA ILE A 411 -9.30 -5.55 7.67
C ILE A 411 -10.55 -5.97 8.44
N ILE A 412 -10.52 -7.10 9.13
CA ILE A 412 -11.64 -7.54 9.95
C ILE A 412 -11.37 -7.11 11.39
N LYS A 413 -12.16 -6.16 11.90
CA LYS A 413 -11.94 -5.68 13.26
C LYS A 413 -12.61 -6.57 14.31
N ALA A 414 -13.84 -7.02 14.06
CA ALA A 414 -14.59 -7.74 15.07
C ALA A 414 -15.79 -8.42 14.40
N THR A 415 -16.41 -9.34 15.12
CA THR A 415 -17.69 -9.93 14.72
C THR A 415 -18.68 -9.83 15.88
N VAL A 416 -19.94 -9.57 15.54
CA VAL A 416 -21.00 -9.39 16.52
C VAL A 416 -21.99 -10.53 16.33
N ALA A 417 -22.15 -11.36 17.37
CA ALA A 417 -23.05 -12.49 17.35
C ALA A 417 -24.51 -12.02 17.35
N PRO A 418 -25.45 -12.89 16.99
CA PRO A 418 -26.87 -12.47 16.99
C PRO A 418 -27.38 -11.95 18.33
N ASP A 419 -26.80 -12.37 19.47
CA ASP A 419 -27.22 -11.81 20.75
C ASP A 419 -26.62 -10.44 21.04
N GLY A 420 -25.88 -9.85 20.10
CA GLY A 420 -25.31 -8.54 20.29
C GLY A 420 -23.95 -8.50 20.95
N SER A 421 -23.37 -9.66 21.26
CA SER A 421 -22.07 -9.71 21.93
C SER A 421 -20.94 -9.65 20.90
N ARG A 422 -19.98 -8.77 21.16
CA ARG A 422 -18.91 -8.45 20.23
C ARG A 422 -17.62 -9.13 20.66
N THR A 423 -16.97 -9.81 19.70
CA THR A 423 -15.66 -10.42 19.88
C THR A 423 -14.67 -9.74 18.96
N GLU A 424 -13.62 -9.15 19.53
CA GLU A 424 -12.59 -8.53 18.70
C GLU A 424 -11.80 -9.60 17.97
N GLU A 425 -11.39 -9.30 16.74
CA GLU A 425 -10.44 -10.16 16.05
C GLU A 425 -9.12 -10.17 16.82
N PRO A 426 -8.42 -11.31 16.89
CA PRO A 426 -7.13 -11.34 17.56
C PRO A 426 -6.08 -10.54 16.77
N ARG A 427 -5.29 -9.76 17.49
CA ARG A 427 -4.25 -8.95 16.88
C ARG A 427 -3.10 -9.85 16.39
N PRO A 428 -2.52 -9.57 15.23
CA PRO A 428 -1.41 -10.40 14.75
C PRO A 428 -0.14 -10.18 15.58
N ASP A 429 0.78 -11.15 15.49
CA ASP A 429 2.08 -11.01 16.13
C ASP A 429 2.93 -9.93 15.44
N ASP A 430 3.59 -9.11 16.28
CA ASP A 430 4.59 -8.12 15.90
C ASP A 430 5.79 -8.73 15.18
N ILE A 431 6.42 -7.95 14.31
CA ILE A 431 7.71 -8.29 13.72
C ILE A 431 8.63 -7.08 13.89
N ARG A 432 9.67 -7.24 14.71
CA ARG A 432 10.70 -6.24 14.85
C ARG A 432 11.58 -6.28 13.60
N VAL A 433 11.51 -5.23 12.79
CA VAL A 433 12.31 -5.15 11.56
C VAL A 433 13.59 -4.35 11.80
N VAL A 434 13.49 -3.17 12.39
CA VAL A 434 14.65 -2.36 12.76
C VAL A 434 14.38 -1.77 14.14
N SER A 435 15.42 -1.20 14.74
CA SER A 435 15.23 -0.59 16.05
C SER A 435 14.38 0.67 15.90
N ALA A 436 13.87 1.16 17.05
CA ALA A 436 13.13 2.42 17.04
C ALA A 436 14.01 3.57 16.58
N GLN A 437 15.29 3.57 16.98
CA GLN A 437 16.21 4.62 16.56
C GLN A 437 16.40 4.61 15.05
N THR A 438 16.59 3.42 14.46
CA THR A 438 16.72 3.32 13.00
C THR A 438 15.47 3.83 12.30
N ALA A 439 14.29 3.40 12.78
CA ALA A 439 13.04 3.81 12.16
C ALA A 439 12.87 5.32 12.19
N GLN A 440 13.14 5.94 13.34
CA GLN A 440 13.03 7.40 13.44
C GLN A 440 14.02 8.09 12.51
N THR A 441 15.22 7.52 12.38
CA THR A 441 16.21 8.08 11.48
C THR A 441 15.79 7.92 10.02
N VAL A 442 15.16 6.78 9.67
CA VAL A 442 14.73 6.59 8.28
C VAL A 442 13.58 7.55 7.93
N ARG A 443 12.62 7.72 8.85
CA ARG A 443 11.53 8.67 8.63
C ARG A 443 12.04 10.08 8.39
N GLN A 444 13.03 10.52 9.19
CA GLN A 444 13.56 11.87 9.01
C GLN A 444 14.25 12.00 7.66
N MET A 445 15.07 11.02 7.27
CA MET A 445 15.70 11.03 5.95
C MET A 445 14.68 11.16 4.82
N LEU A 446 13.59 10.39 4.89
CA LEU A 446 12.59 10.40 3.83
C LEU A 446 11.82 11.71 3.76
N ARG A 447 11.98 12.59 4.75
CA ARG A 447 11.50 13.97 4.61
C ARG A 447 12.19 14.66 3.45
N ALA A 448 13.39 14.22 3.07
CA ALA A 448 14.09 14.87 1.98
C ALA A 448 13.41 14.63 0.63
N VAL A 449 12.69 13.51 0.50
CA VAL A 449 11.99 13.24 -0.76
C VAL A 449 10.96 14.33 -1.07
N VAL A 450 10.32 14.89 -0.04
CA VAL A 450 9.28 15.88 -0.28
C VAL A 450 9.81 17.31 -0.14
N GLN A 451 11.12 17.48 0.05
CA GLN A 451 11.69 18.80 0.29
C GLN A 451 11.80 19.59 -1.01
N ARG A 452 11.36 20.84 -0.96
CA ARG A 452 11.39 21.72 -2.11
C ARG A 452 12.64 22.61 -2.06
N ASP A 453 13.24 22.87 -3.24
CA ASP A 453 14.37 23.80 -3.34
C ASP A 453 14.34 24.49 -4.70
N PRO A 454 14.08 25.81 -4.74
CA PRO A 454 14.04 26.52 -6.03
C PRO A 454 15.33 26.39 -6.82
N MET A 455 16.49 26.35 -6.15
CA MET A 455 17.76 26.17 -6.82
C MET A 455 18.03 24.73 -7.22
N GLY A 456 17.10 23.81 -6.97
CA GLY A 456 17.22 22.45 -7.45
C GLY A 456 18.08 21.55 -6.59
N TYR A 457 19.18 22.08 -6.05
CA TYR A 457 20.22 21.24 -5.46
C TYR A 457 19.67 20.37 -4.33
N GLN A 458 18.86 20.94 -3.44
CA GLN A 458 18.39 20.24 -2.25
C GLN A 458 16.91 19.88 -2.37
N GLN A 459 16.47 19.54 -3.57
CA GLN A 459 15.08 19.13 -3.82
C GLN A 459 15.05 17.62 -4.03
N GLY A 460 14.08 16.96 -3.40
CA GLY A 460 13.86 15.56 -3.62
C GLY A 460 13.01 15.32 -4.85
N THR A 461 12.68 14.04 -5.08
CA THR A 461 11.92 13.66 -6.26
C THR A 461 10.43 13.92 -6.13
N GLY A 462 9.91 14.12 -4.92
CA GLY A 462 8.50 14.32 -4.73
C GLY A 462 8.12 15.54 -3.91
N PRO A 463 8.56 16.73 -4.32
CA PRO A 463 8.22 17.94 -3.56
C PRO A 463 6.74 18.23 -3.51
N THR A 464 5.97 17.86 -4.54
CA THR A 464 4.53 18.11 -4.47
C THR A 464 3.84 17.23 -3.44
N ALA A 465 4.51 16.20 -2.91
CA ALA A 465 3.87 15.42 -1.86
C ALA A 465 3.92 16.09 -0.50
N GLY A 466 4.82 17.06 -0.31
CA GLY A 466 4.93 17.71 0.99
C GLY A 466 3.69 18.53 1.30
N VAL A 467 3.37 18.64 2.58
CA VAL A 467 2.25 19.47 3.03
C VAL A 467 2.82 20.49 4.02
N PRO A 468 2.79 21.79 3.69
CA PRO A 468 3.43 22.79 4.55
C PRO A 468 2.88 22.79 5.97
N GLY A 469 3.78 22.94 6.94
CA GLY A 469 3.41 22.83 8.33
C GLY A 469 3.44 21.43 8.91
N TYR A 470 3.63 20.39 8.09
CA TYR A 470 3.72 19.02 8.57
C TYR A 470 5.02 18.39 8.12
N GLN A 471 5.51 17.44 8.92
CA GLN A 471 6.71 16.67 8.57
C GLN A 471 6.30 15.44 7.75
N MET A 472 5.80 15.68 6.55
CA MET A 472 5.50 14.56 5.67
C MET A 472 6.81 13.85 5.29
N ALA A 473 6.75 12.54 5.18
CA ALA A 473 7.91 11.74 4.77
C ALA A 473 7.42 10.63 3.85
N GLY A 474 8.18 10.35 2.81
CA GLY A 474 7.80 9.26 1.93
C GLY A 474 8.86 8.99 0.89
N LYS A 475 8.47 8.24 -0.14
CA LYS A 475 9.38 7.80 -1.18
C LYS A 475 8.60 7.62 -2.47
N THR A 476 9.03 8.30 -3.55
CA THR A 476 8.53 8.04 -4.89
C THR A 476 9.04 6.71 -5.43
N GLY A 477 8.26 6.12 -6.36
CA GLY A 477 8.67 4.91 -7.02
C GLY A 477 8.49 4.97 -8.52
N THR A 478 9.50 4.50 -9.26
CA THR A 478 9.39 4.24 -10.69
C THR A 478 9.92 2.84 -10.97
N ALA A 479 9.20 2.08 -11.80
CA ALA A 479 9.59 0.71 -12.10
C ALA A 479 9.14 0.38 -13.51
N GLN A 480 10.06 -0.12 -14.33
CA GLN A 480 9.70 -0.54 -15.67
C GLN A 480 8.85 -1.81 -15.64
N GLN A 481 7.81 -1.83 -16.49
CA GLN A 481 7.00 -3.02 -16.69
C GLN A 481 7.62 -3.93 -17.74
N ILE A 482 7.18 -5.19 -17.76
CA ILE A 482 7.76 -6.21 -18.61
C ILE A 482 6.94 -6.31 -19.89
N ASN A 483 7.60 -6.27 -21.02
CA ASN A 483 6.93 -6.37 -22.29
C ASN A 483 6.55 -7.82 -22.54
N PRO A 484 5.26 -8.15 -22.61
CA PRO A 484 4.86 -9.56 -22.82
C PRO A 484 5.46 -10.18 -24.07
N GLY A 485 5.71 -9.40 -25.12
CA GLY A 485 6.20 -9.95 -26.37
C GLY A 485 7.65 -10.39 -26.38
N CYS A 486 8.50 -9.83 -25.50
CA CYS A 486 9.93 -10.13 -25.50
C CYS A 486 10.45 -10.74 -24.20
N GLY A 487 9.63 -10.82 -23.15
CA GLY A 487 10.16 -11.19 -21.85
C GLY A 487 11.18 -10.22 -21.32
N CYS A 488 11.16 -8.97 -21.78
CA CYS A 488 12.14 -7.97 -21.43
C CYS A 488 11.43 -6.67 -21.04
N TYR A 489 12.15 -5.78 -20.37
CA TYR A 489 11.53 -4.56 -19.84
C TYR A 489 11.08 -3.64 -20.97
N PHE A 490 9.91 -3.03 -20.79
CA PHE A 490 9.55 -1.88 -21.60
C PHE A 490 10.53 -0.75 -21.34
N ASP A 491 10.73 0.09 -22.35
CA ASP A 491 11.52 1.30 -22.18
C ASP A 491 10.73 2.42 -21.53
N ASP A 492 9.42 2.49 -21.77
CA ASP A 492 8.65 3.67 -21.39
C ASP A 492 7.28 3.31 -20.82
N VAL A 493 7.15 2.14 -20.21
CA VAL A 493 5.93 1.74 -19.51
C VAL A 493 6.29 1.47 -18.06
N TYR A 494 5.63 2.16 -17.13
CA TYR A 494 6.03 2.18 -15.72
C TYR A 494 4.87 1.91 -14.76
N TRP A 495 5.19 1.25 -13.65
CA TRP A 495 4.41 1.38 -12.44
C TRP A 495 4.96 2.57 -11.66
N ILE A 496 4.11 3.56 -11.39
CA ILE A 496 4.47 4.72 -10.59
C ILE A 496 3.84 4.56 -9.21
N THR A 497 4.62 4.80 -8.16
CA THR A 497 4.16 4.59 -6.79
C THR A 497 4.55 5.77 -5.92
N PHE A 498 3.82 5.88 -4.81
CA PHE A 498 4.24 6.72 -3.70
C PHE A 498 3.83 6.04 -2.41
N ALA A 499 4.73 6.03 -1.43
CA ALA A 499 4.44 5.53 -0.09
C ALA A 499 4.91 6.59 0.89
N GLY A 500 4.03 7.00 1.80
CA GLY A 500 4.45 8.00 2.76
C GLY A 500 3.79 7.82 4.11
N ILE A 501 4.25 8.65 5.04
CA ILE A 501 3.89 8.60 6.45
C ILE A 501 3.49 10.00 6.88
N ALA A 502 2.32 10.12 7.47
CA ALA A 502 1.84 11.36 8.07
C ALA A 502 1.74 11.19 9.58
N THR A 503 2.64 11.77 10.36
CA THR A 503 3.83 12.50 9.92
C THR A 503 5.11 11.86 10.50
N ALA A 504 6.28 12.35 10.10
CA ALA A 504 7.54 11.75 10.54
C ALA A 504 7.68 11.84 12.06
N ASP A 505 7.33 12.98 12.63
CA ASP A 505 7.52 13.18 14.06
C ASP A 505 6.41 12.53 14.88
N ASN A 506 5.26 12.26 14.27
CA ASN A 506 4.14 11.63 14.96
C ASN A 506 3.35 10.77 13.96
N PRO A 507 3.84 9.55 13.67
CA PRO A 507 3.19 8.73 12.64
C PRO A 507 1.77 8.35 13.01
N ARG A 508 0.80 8.79 12.20
CA ARG A 508 -0.60 8.43 12.35
C ARG A 508 -1.13 7.56 11.21
N TYR A 509 -0.78 7.90 9.99
CA TYR A 509 -1.34 7.26 8.81
C TYR A 509 -0.21 6.88 7.87
N VAL A 510 -0.35 5.73 7.22
CA VAL A 510 0.57 5.28 6.20
C VAL A 510 -0.21 5.15 4.91
N ILE A 511 0.28 5.77 3.85
CA ILE A 511 -0.46 5.86 2.60
C ILE A 511 0.39 5.29 1.49
N GLY A 512 -0.16 4.35 0.74
CA GLY A 512 0.51 3.79 -0.42
C GLY A 512 -0.36 3.90 -1.66
N ILE A 513 0.26 4.29 -2.76
CA ILE A 513 -0.40 4.61 -4.02
C ILE A 513 0.34 3.91 -5.15
N MET A 514 -0.40 3.35 -6.11
CA MET A 514 0.22 2.91 -7.35
C MET A 514 -0.59 3.41 -8.54
N LEU A 515 0.12 3.92 -9.56
CA LEU A 515 -0.44 4.33 -10.84
C LEU A 515 0.13 3.43 -11.93
N ASP A 516 -0.74 2.83 -12.73
CA ASP A 516 -0.28 1.94 -13.79
C ASP A 516 -0.07 2.75 -15.07
N ASN A 517 1.19 3.10 -15.32
CA ASN A 517 1.60 3.78 -16.54
C ASN A 517 0.81 5.07 -16.82
N PRO A 518 0.90 6.05 -15.92
CA PRO A 518 0.22 7.32 -16.18
C PRO A 518 0.92 8.10 -17.29
N ALA A 519 0.13 8.89 -18.02
CA ALA A 519 0.66 9.82 -19.00
C ALA A 519 0.91 11.21 -18.41
N ARG A 520 0.29 11.51 -17.26
CA ARG A 520 0.43 12.78 -16.57
C ARG A 520 0.50 12.51 -15.06
N ASN A 521 0.79 13.56 -14.28
CA ASN A 521 0.68 13.53 -12.84
C ASN A 521 -0.71 13.10 -12.42
N SER A 522 -0.87 12.72 -11.14
CA SER A 522 -2.18 12.31 -10.65
C SER A 522 -3.17 13.47 -10.65
N ASP A 523 -2.69 14.71 -10.72
CA ASP A 523 -3.57 15.88 -10.77
C ASP A 523 -3.67 16.45 -12.17
N GLY A 524 -3.12 15.75 -13.16
CA GLY A 524 -3.27 16.12 -14.55
C GLY A 524 -2.21 17.05 -15.10
N ALA A 525 -1.25 17.46 -14.28
CA ALA A 525 -0.13 18.28 -14.74
C ALA A 525 0.91 17.42 -15.45
N PRO A 526 1.81 18.04 -16.24
CA PRO A 526 2.80 17.23 -16.97
C PRO A 526 3.69 16.47 -16.01
N GLY A 527 4.08 15.26 -16.43
CA GLY A 527 4.92 14.40 -15.63
C GLY A 527 4.29 13.03 -15.44
N HIS A 528 4.69 12.33 -14.37
CA HIS A 528 4.20 10.98 -14.15
C HIS A 528 4.00 10.64 -12.67
N SER A 529 3.96 11.65 -11.79
CA SER A 529 4.14 11.44 -10.37
C SER A 529 2.83 11.12 -9.68
N ALA A 530 2.92 10.25 -8.67
CA ALA A 530 1.82 9.99 -7.77
C ALA A 530 1.88 10.88 -6.54
N ALA A 531 2.94 11.68 -6.40
CA ALA A 531 3.08 12.54 -5.22
C ALA A 531 1.90 13.49 -4.99
N PRO A 532 1.24 14.07 -5.99
CA PRO A 532 0.10 14.96 -5.67
C PRO A 532 -1.08 14.21 -5.08
N LEU A 533 -1.27 12.92 -5.40
CA LEU A 533 -2.35 12.19 -4.74
C LEU A 533 -2.04 11.97 -3.26
N PHE A 534 -0.77 11.70 -2.94
CA PHE A 534 -0.39 11.64 -1.52
C PHE A 534 -0.65 12.98 -0.84
N HIS A 535 -0.29 14.08 -1.50
CA HIS A 535 -0.51 15.41 -0.97
C HIS A 535 -1.98 15.62 -0.59
N ASN A 536 -2.88 15.29 -1.52
CA ASN A 536 -4.32 15.46 -1.30
C ASN A 536 -4.81 14.62 -0.13
N ILE A 537 -4.46 13.34 -0.10
CA ILE A 537 -4.99 12.44 0.93
C ILE A 537 -4.38 12.75 2.29
N ALA A 538 -3.06 12.93 2.33
CA ALA A 538 -2.40 13.18 3.61
C ALA A 538 -2.84 14.51 4.19
N GLY A 539 -2.92 15.55 3.36
CA GLY A 539 -3.35 16.84 3.84
C GLY A 539 -4.77 16.83 4.35
N TRP A 540 -5.65 16.10 3.66
CA TRP A 540 -7.02 15.98 4.11
C TRP A 540 -7.11 15.24 5.44
N LEU A 541 -6.31 14.18 5.60
CA LEU A 541 -6.33 13.45 6.86
C LEU A 541 -5.88 14.33 8.02
N MET A 542 -4.92 15.22 7.76
CA MET A 542 -4.45 16.12 8.82
C MET A 542 -5.52 17.13 9.20
N GLN A 543 -6.14 17.76 8.19
CA GLN A 543 -7.12 18.81 8.47
C GLN A 543 -8.34 18.26 9.19
N ARG A 544 -8.87 17.11 8.73
CA ARG A 544 -10.12 16.60 9.28
C ARG A 544 -9.99 16.20 10.74
N GLU A 545 -8.79 15.91 11.22
CA GLU A 545 -8.55 15.66 12.63
C GLU A 545 -7.90 16.85 13.33
N ASN A 546 -7.78 17.98 12.65
CA ASN A 546 -7.12 19.17 13.19
C ASN A 546 -5.81 18.81 13.88
N VAL A 547 -4.96 18.11 13.14
CA VAL A 547 -3.62 17.84 13.67
C VAL A 547 -2.84 19.16 13.70
N PRO A 548 -2.21 19.51 14.80
CA PRO A 548 -1.46 20.76 14.85
C PRO A 548 -0.18 20.71 14.01
N LEU A 549 0.27 21.88 13.60
CA LEU A 549 1.56 22.02 12.92
C LEU A 549 2.73 21.72 13.85
N GLY A 554 12.56 22.08 11.55
CA GLY A 554 14.01 22.20 11.54
C GLY A 554 14.56 22.90 10.30
N PRO A 555 15.88 22.92 10.16
CA PRO A 555 16.50 23.50 8.97
C PRO A 555 16.36 22.56 7.79
N PRO A 556 16.61 23.02 6.55
CA PRO A 556 16.50 22.12 5.39
C PRO A 556 17.50 20.97 5.47
N LEU A 557 17.10 19.83 4.92
CA LEU A 557 18.02 18.69 4.89
C LEU A 557 19.01 18.85 3.75
N VAL A 558 20.19 18.28 3.92
CA VAL A 558 21.23 18.32 2.89
C VAL A 558 21.17 17.03 2.09
N LEU A 559 20.80 17.15 0.81
CA LEU A 559 20.83 16.04 -0.14
C LEU A 559 22.11 15.99 -0.94
N GLN A 560 22.73 17.14 -1.15
CA GLN A 560 23.89 17.26 -2.02
C GLN A 560 24.90 18.19 -1.36
N ALA A 561 26.10 17.69 -1.10
CA ALA A 561 27.13 18.48 -0.43
C ALA A 561 27.88 19.32 -1.47
N THR A 562 29.05 19.83 -1.10
CA THR A 562 29.92 20.51 -2.06
C THR A 562 30.67 19.47 -2.88
CO CO B . -2.16 21.70 -1.96
CO CO C . 6.91 11.86 -20.04
CO CO D . -32.33 -33.13 15.64
NA NA E . 6.41 -9.38 -1.87
#